data_5XNZ
#
_entry.id   5XNZ
#
_cell.length_a   76.570
_cell.length_b   97.680
_cell.length_c   124.170
_cell.angle_alpha   90.00
_cell.angle_beta   90.00
_cell.angle_gamma   90.00
#
_symmetry.space_group_name_H-M   'I 2 2 2'
#
loop_
_entity.id
_entity.type
_entity.pdbx_description
1 polymer CreD
2 non-polymer 'FUMARIC ACID'
3 water water
#
_entity_poly.entity_id   1
_entity_poly.type   'polypeptide(L)'
_entity_poly.pdbx_seq_one_letter_code
;HMPLRRPAHRGDGMTRPPAPPPGAPGADELLDCGLLSPVRAGTPVEALVCDSAWLQAMLDAEAALTRAQARTGFLPAAAA
EAITAAARADRIDLLAVARGARETANPVVGLVAALTAAVRRDDPAAAEYVHRGSTSQDVLDTGAMLVARRALRLIGDDLD
RAADALAALAADHRDTPMAGRTLALHAVPTTFGLKAAGWLELVSEAAGRVARLRDGLPFSLGGAAGTLAGYFGDRTDRGD
PAVLLDRLLDAYAAETGLARPVLPWHVLRTPVADLAAVLAFTAGALGKIAVDVQSLARTEVAEVAEPAVEGRGASSAMPH
KRNPVLSTLIRSAALQVPALATGLTQCLVSEDERSAGAWHAEWQPLRECLRLTGGAARTAVELAAGLEVDAARMRANLDL
TDGRIVSESVAVALTPLLGRQAAKELLTRAAFTAGHEGRTLGEVLGELPELDGVLPKERWEALLDPARATGVAGALVDGA
LARRRPPAR
;
_entity_poly.pdbx_strand_id   A
#
# COMPACT_ATOMS: atom_id res chain seq x y z
N ASP A 28 -11.56 -2.38 31.22
CA ASP A 28 -12.04 -2.92 29.95
C ASP A 28 -12.06 -1.82 28.89
N GLU A 29 -11.88 -0.57 29.32
CA GLU A 29 -11.97 0.58 28.45
C GLU A 29 -10.65 0.92 27.76
N LEU A 30 -9.60 0.14 27.93
CA LEU A 30 -8.35 0.39 27.24
C LEU A 30 -8.17 -0.48 26.00
N LEU A 31 -9.01 -1.49 25.82
CA LEU A 31 -8.80 -2.44 24.74
C LEU A 31 -9.15 -1.81 23.39
N ASP A 32 -8.20 -1.88 22.44
CA ASP A 32 -8.42 -1.52 21.03
C ASP A 32 -8.34 -2.81 20.24
N CYS A 33 -9.51 -3.36 19.90
CA CYS A 33 -9.64 -4.67 19.29
C CYS A 33 -9.81 -4.61 17.78
N GLY A 34 -9.82 -3.41 17.20
CA GLY A 34 -10.24 -3.26 15.82
C GLY A 34 -11.73 -3.29 15.60
N LEU A 35 -12.52 -2.92 16.62
CA LEU A 35 -13.96 -2.97 16.49
C LEU A 35 -14.46 -2.09 15.35
N LEU A 36 -13.88 -0.90 15.20
CA LEU A 36 -14.32 0.04 14.17
C LEU A 36 -13.51 -0.06 12.89
N SER A 37 -12.59 -1.02 12.79
CA SER A 37 -11.69 -1.08 11.63
C SER A 37 -11.45 -2.54 11.24
N PRO A 38 -12.49 -3.24 10.74
CA PRO A 38 -12.33 -4.66 10.40
C PRO A 38 -11.31 -4.94 9.32
N VAL A 39 -10.85 -3.93 8.58
CA VAL A 39 -9.89 -4.23 7.53
C VAL A 39 -8.56 -4.69 8.10
N ARG A 40 -8.25 -4.31 9.35
CA ARG A 40 -7.02 -4.72 10.01
C ARG A 40 -7.21 -5.58 11.26
N ALA A 41 -8.43 -5.72 11.79
CA ALA A 41 -8.68 -6.53 12.98
C ALA A 41 -8.30 -7.98 12.73
N GLY A 42 -7.49 -8.54 13.63
CA GLY A 42 -7.05 -9.91 13.48
C GLY A 42 -5.92 -10.10 12.49
N THR A 43 -5.43 -9.04 11.87
CA THR A 43 -4.31 -9.23 10.95
C THR A 43 -3.00 -9.00 11.67
N PRO A 44 -1.91 -9.62 11.19
CA PRO A 44 -0.64 -9.53 11.94
C PRO A 44 -0.05 -8.13 12.06
N VAL A 45 -0.45 -7.15 11.25
CA VAL A 45 0.13 -5.80 11.42
C VAL A 45 -0.32 -5.15 12.73
N GLU A 46 -1.43 -5.62 13.32
CA GLU A 46 -1.94 -4.98 14.53
C GLU A 46 -0.92 -5.07 15.65
N ALA A 47 -0.27 -6.22 15.78
CA ALA A 47 0.67 -6.44 16.87
C ALA A 47 1.98 -5.68 16.63
N LEU A 48 2.35 -5.46 15.37
CA LEU A 48 3.55 -4.68 15.08
C LEU A 48 3.42 -3.21 15.47
N VAL A 49 2.20 -2.66 15.50
CA VAL A 49 2.06 -1.20 15.54
C VAL A 49 1.14 -0.76 16.66
N CYS A 50 0.77 -1.68 17.54
CA CYS A 50 0.01 -1.30 18.73
C CYS A 50 0.89 -0.51 19.70
N ASP A 51 0.24 0.08 20.72
CA ASP A 51 0.92 0.97 21.65
C ASP A 51 2.13 0.30 22.32
N SER A 52 1.99 -0.94 22.77
CA SER A 52 3.10 -1.57 23.44
C SER A 52 4.25 -1.90 22.48
N ALA A 53 3.93 -2.15 21.21
CA ALA A 53 4.97 -2.30 20.20
C ALA A 53 5.77 -1.01 20.02
N TRP A 54 5.09 0.14 20.12
CA TRP A 54 5.80 1.40 20.01
C TRP A 54 6.64 1.64 21.26
N LEU A 55 6.09 1.33 22.43
CA LEU A 55 6.85 1.39 23.68
C LEU A 55 8.10 0.55 23.58
N GLN A 56 7.95 -0.68 23.05
CA GLN A 56 9.10 -1.55 22.87
C GLN A 56 10.09 -0.94 21.88
N ALA A 57 9.59 -0.35 20.80
CA ALA A 57 10.49 0.24 19.80
C ALA A 57 11.28 1.38 20.41
N MET A 58 10.65 2.18 21.26
CA MET A 58 11.33 3.28 21.93
C MET A 58 12.37 2.77 22.92
N LEU A 59 12.09 1.66 23.61
CA LEU A 59 13.08 1.03 24.47
C LEU A 59 14.23 0.48 23.65
N ASP A 60 13.94 -0.16 22.51
CA ASP A 60 14.99 -0.59 21.59
C ASP A 60 15.89 0.55 21.19
N ALA A 61 15.30 1.72 20.89
CA ALA A 61 16.11 2.88 20.47
C ALA A 61 17.01 3.34 21.60
N GLU A 62 16.48 3.39 22.82
CA GLU A 62 17.29 3.74 23.99
C GLU A 62 18.44 2.76 24.17
N ALA A 63 18.13 1.47 24.20
CA ALA A 63 19.16 0.47 24.48
C ALA A 63 20.21 0.45 23.38
N ALA A 64 19.78 0.57 22.11
CA ALA A 64 20.76 0.62 21.02
C ALA A 64 21.64 1.86 21.11
N LEU A 65 21.12 2.95 21.68
CA LEU A 65 21.93 4.15 21.81
C LEU A 65 23.04 3.94 22.83
N THR A 66 22.69 3.37 23.98
CA THR A 66 23.70 3.08 24.99
C THR A 66 24.70 2.04 24.48
N ARG A 67 24.23 1.03 23.73
CA ARG A 67 25.17 0.09 23.14
C ARG A 67 26.10 0.79 22.15
N ALA A 68 25.56 1.71 21.33
CA ALA A 68 26.41 2.37 20.35
C ALA A 68 27.38 3.32 21.03
N GLN A 69 26.95 4.01 22.09
CA GLN A 69 27.85 4.85 22.84
C GLN A 69 28.92 4.02 23.55
N ALA A 70 28.62 2.77 23.89
CA ALA A 70 29.62 1.89 24.49
C ALA A 70 30.64 1.42 23.47
N ARG A 71 30.16 1.00 22.30
CA ARG A 71 31.08 0.61 21.23
C ARG A 71 31.96 1.79 20.80
N THR A 72 31.46 3.01 20.95
CA THR A 72 32.24 4.20 20.64
C THR A 72 33.21 4.57 21.74
N GLY A 73 32.93 4.15 22.99
CA GLY A 73 33.81 4.40 24.11
C GLY A 73 33.30 5.43 25.11
N PHE A 74 32.09 5.96 24.94
CA PHE A 74 31.61 7.00 25.84
C PHE A 74 30.96 6.46 27.11
N LEU A 75 30.75 5.15 27.23
CA LEU A 75 30.21 4.60 28.47
C LEU A 75 30.61 3.11 28.55
N PRO A 76 30.51 2.50 29.73
CA PRO A 76 31.03 1.14 29.91
C PRO A 76 30.07 0.05 29.44
N ALA A 77 30.66 -1.03 28.92
CA ALA A 77 29.86 -2.07 28.25
C ALA A 77 28.91 -2.75 29.22
N ALA A 78 29.30 -2.91 30.48
CA ALA A 78 28.41 -3.53 31.46
C ALA A 78 27.17 -2.70 31.68
N ALA A 79 27.31 -1.38 31.63
CA ALA A 79 26.12 -0.53 31.69
C ALA A 79 25.23 -0.76 30.48
N ALA A 80 25.83 -0.86 29.29
CA ALA A 80 25.05 -1.15 28.08
C ALA A 80 24.33 -2.48 28.21
N GLU A 81 25.00 -3.50 28.76
CA GLU A 81 24.38 -4.82 28.86
C GLU A 81 23.21 -4.79 29.83
N ALA A 82 23.34 -4.06 30.93
CA ALA A 82 22.28 -4.01 31.93
C ALA A 82 21.10 -3.19 31.45
N ILE A 83 21.36 -2.07 30.76
CA ILE A 83 20.27 -1.27 30.22
C ILE A 83 19.51 -2.08 29.18
N THR A 84 20.24 -2.79 28.32
CA THR A 84 19.60 -3.60 27.28
C THR A 84 18.67 -4.64 27.91
N ALA A 85 19.14 -5.30 28.99
CA ALA A 85 18.36 -6.36 29.60
C ALA A 85 17.12 -5.81 30.28
N ALA A 86 17.16 -4.57 30.76
CA ALA A 86 15.98 -3.95 31.37
C ALA A 86 15.03 -3.33 30.35
N ALA A 87 15.45 -3.18 29.08
CA ALA A 87 14.69 -2.40 28.10
C ALA A 87 13.63 -3.30 27.46
N ARG A 88 12.67 -3.71 28.28
CA ARG A 88 11.62 -4.66 27.92
C ARG A 88 10.27 -4.08 28.33
N ALA A 89 9.33 -4.05 27.40
CA ALA A 89 8.01 -3.51 27.69
C ALA A 89 7.41 -4.07 28.98
N ASP A 90 7.67 -5.35 29.29
CA ASP A 90 7.13 -5.97 30.51
C ASP A 90 7.64 -5.28 31.79
N ARG A 91 8.80 -4.63 31.73
CA ARG A 91 9.34 -3.92 32.88
C ARG A 91 8.76 -2.52 33.05
N ILE A 92 7.86 -2.08 32.17
CA ILE A 92 7.41 -0.69 32.13
C ILE A 92 5.89 -0.66 32.28
N ASP A 93 5.38 0.38 32.93
CA ASP A 93 3.95 0.60 33.02
C ASP A 93 3.51 1.45 31.83
N LEU A 94 2.86 0.80 30.85
CA LEU A 94 2.46 1.50 29.62
C LEU A 94 1.46 2.62 29.92
N LEU A 95 0.44 2.33 30.72
CA LEU A 95 -0.62 3.30 30.97
C LEU A 95 -0.09 4.53 31.70
N ALA A 96 0.83 4.33 32.64
CA ALA A 96 1.39 5.46 33.35
C ALA A 96 2.24 6.32 32.43
N VAL A 97 3.07 5.68 31.60
CA VAL A 97 3.90 6.39 30.63
C VAL A 97 3.03 7.23 29.71
N ALA A 98 1.96 6.63 29.18
CA ALA A 98 1.09 7.32 28.24
C ALA A 98 0.39 8.49 28.91
N ARG A 99 -0.04 8.32 30.16
CA ARG A 99 -0.79 9.39 30.82
C ARG A 99 0.09 10.49 31.38
N GLY A 100 1.36 10.22 31.67
CA GLY A 100 2.27 11.28 32.10
C GLY A 100 2.79 12.16 30.97
N ALA A 101 2.55 11.76 29.72
CA ALA A 101 3.06 12.49 28.57
C ALA A 101 2.47 13.90 28.46
N ARG A 102 1.28 14.12 29.01
CA ARG A 102 0.65 15.44 28.97
C ARG A 102 1.53 16.51 29.58
N GLU A 103 2.46 16.11 30.44
CA GLU A 103 3.30 17.08 31.11
C GLU A 103 4.33 17.66 30.14
N THR A 104 4.88 16.84 29.25
CA THR A 104 5.87 17.31 28.29
C THR A 104 5.43 17.21 26.84
N ALA A 105 4.20 16.76 26.58
CA ALA A 105 3.63 16.55 25.24
C ALA A 105 4.26 15.38 24.49
N ASN A 106 5.01 14.51 25.17
CA ASN A 106 5.52 13.29 24.55
C ASN A 106 5.88 12.29 25.64
N PRO A 107 5.91 11.00 25.33
CA PRO A 107 6.06 9.98 26.39
C PRO A 107 7.48 9.69 26.83
N VAL A 108 8.51 10.30 26.23
CA VAL A 108 9.87 9.80 26.41
C VAL A 108 10.40 10.13 27.80
N VAL A 109 10.08 11.32 28.32
CA VAL A 109 10.54 11.65 29.68
C VAL A 109 9.99 10.64 30.68
N GLY A 110 8.71 10.30 30.58
CA GLY A 110 8.15 9.29 31.47
C GLY A 110 8.75 7.92 31.24
N LEU A 111 8.96 7.55 29.97
CA LEU A 111 9.58 6.26 29.65
C LEU A 111 10.98 6.17 30.25
N VAL A 112 11.78 7.21 30.05
CA VAL A 112 13.16 7.23 30.53
C VAL A 112 13.20 7.06 32.05
N ALA A 113 12.32 7.76 32.76
CA ALA A 113 12.25 7.59 34.20
C ALA A 113 11.85 6.15 34.56
N ALA A 114 10.91 5.55 33.82
CA ALA A 114 10.55 4.16 34.14
C ALA A 114 11.71 3.22 33.85
N LEU A 115 12.39 3.39 32.70
CA LEU A 115 13.52 2.53 32.40
C LEU A 115 14.64 2.71 33.42
N THR A 116 14.84 3.95 33.91
CA THR A 116 15.93 4.22 34.83
C THR A 116 15.70 3.52 36.17
N ALA A 117 14.47 3.50 36.66
CA ALA A 117 14.17 2.74 37.87
C ALA A 117 14.34 1.24 37.64
N ALA A 118 13.91 0.72 36.49
CA ALA A 118 14.08 -0.71 36.24
C ALA A 118 15.55 -1.11 36.24
N VAL A 119 16.40 -0.30 35.62
CA VAL A 119 17.83 -0.62 35.63
C VAL A 119 18.41 -0.43 37.04
N ARG A 120 17.88 0.53 37.80
CA ARG A 120 18.41 0.85 39.12
C ARG A 120 18.16 -0.28 40.10
N ARG A 121 16.98 -0.91 40.02
CA ARG A 121 16.67 -2.09 40.82
C ARG A 121 17.80 -3.14 40.76
N ASP A 122 18.37 -3.33 39.57
CA ASP A 122 19.41 -4.35 39.36
C ASP A 122 20.82 -3.79 39.44
N ASP A 123 21.08 -2.62 38.84
CA ASP A 123 22.44 -2.12 38.63
C ASP A 123 22.45 -0.60 38.78
N PRO A 124 22.71 -0.09 40.00
CA PRO A 124 22.59 1.36 40.21
C PRO A 124 23.61 2.19 39.45
N ALA A 125 24.74 1.61 39.05
CA ALA A 125 25.72 2.37 38.27
C ALA A 125 25.29 2.52 36.82
N ALA A 126 24.60 1.51 36.28
CA ALA A 126 24.14 1.59 34.90
C ALA A 126 23.05 2.64 34.72
N ALA A 127 22.20 2.82 35.74
CA ALA A 127 21.05 3.73 35.64
C ALA A 127 21.48 5.14 35.31
N GLU A 128 22.66 5.56 35.77
CA GLU A 128 23.20 6.87 35.45
C GLU A 128 23.35 7.07 33.95
N TYR A 129 23.49 5.99 33.18
CA TYR A 129 23.80 6.07 31.77
C TYR A 129 22.58 5.96 30.87
N VAL A 130 21.39 5.71 31.44
CA VAL A 130 20.18 5.66 30.62
C VAL A 130 19.96 7.03 30.00
N HIS A 131 19.82 7.06 28.66
CA HIS A 131 19.42 8.27 27.94
C HIS A 131 20.50 9.35 27.96
N ARG A 132 21.78 8.96 28.02
CA ARG A 132 22.86 9.93 28.15
C ARG A 132 22.97 10.79 26.90
N GLY A 133 23.05 12.11 27.12
CA GLY A 133 23.27 13.08 26.05
C GLY A 133 22.12 13.22 25.08
N SER A 134 21.01 12.55 25.33
CA SER A 134 19.97 12.33 24.33
C SER A 134 18.79 13.28 24.55
N THR A 135 17.79 13.13 23.69
CA THR A 135 16.62 13.98 23.69
C THR A 135 15.42 13.14 23.28
N SER A 136 14.23 13.63 23.66
CA SER A 136 12.99 12.91 23.38
C SER A 136 12.88 12.51 21.92
N GLN A 137 13.12 13.45 21.00
CA GLN A 137 12.80 13.17 19.61
C GLN A 137 13.72 12.11 19.01
N ASP A 138 14.97 12.04 19.45
CA ASP A 138 15.86 10.98 18.95
C ASP A 138 15.26 9.62 19.24
N VAL A 139 14.75 9.43 20.46
CA VAL A 139 14.23 8.13 20.86
C VAL A 139 12.89 7.87 20.19
N LEU A 140 11.97 8.83 20.25
CA LEU A 140 10.65 8.62 19.66
C LEU A 140 10.74 8.38 18.15
N ASP A 141 11.46 9.24 17.42
CA ASP A 141 11.52 9.07 15.97
C ASP A 141 12.28 7.82 15.59
N THR A 142 13.33 7.48 16.34
CA THR A 142 14.00 6.21 16.04
C THR A 142 13.06 5.04 16.28
N GLY A 143 12.31 5.05 17.38
CA GLY A 143 11.28 4.04 17.57
C GLY A 143 10.25 4.03 16.46
N ALA A 144 9.83 5.21 15.99
CA ALA A 144 8.91 5.31 14.88
C ALA A 144 9.44 4.61 13.64
N MET A 145 10.72 4.86 13.31
CA MET A 145 11.30 4.25 12.12
C MET A 145 11.49 2.75 12.28
N LEU A 146 11.69 2.28 13.52
CA LEU A 146 11.78 0.85 13.79
C LEU A 146 10.42 0.18 13.62
N VAL A 147 9.37 0.79 14.17
CA VAL A 147 8.03 0.26 13.93
C VAL A 147 7.72 0.25 12.44
N ALA A 148 8.04 1.36 11.75
CA ALA A 148 7.76 1.46 10.33
C ALA A 148 8.54 0.41 9.54
N ARG A 149 9.81 0.19 9.88
CA ARG A 149 10.61 -0.81 9.17
C ARG A 149 10.01 -2.21 9.33
N ARG A 150 9.56 -2.55 10.54
CA ARG A 150 9.01 -3.87 10.80
C ARG A 150 7.64 -4.05 10.16
N ALA A 151 6.81 -3.00 10.21
CA ALA A 151 5.53 -3.05 9.53
C ALA A 151 5.70 -3.06 8.02
N LEU A 152 6.67 -2.30 7.48
CA LEU A 152 6.91 -2.31 6.04
C LEU A 152 7.39 -3.68 5.56
N ARG A 153 8.15 -4.40 6.40
CA ARG A 153 8.56 -5.76 6.02
C ARG A 153 7.34 -6.66 5.84
N LEU A 154 6.38 -6.55 6.74
CA LEU A 154 5.15 -7.33 6.62
C LEU A 154 4.33 -6.88 5.41
N ILE A 155 4.17 -5.56 5.25
CA ILE A 155 3.38 -5.04 4.12
C ILE A 155 3.98 -5.49 2.80
N GLY A 156 5.31 -5.42 2.68
CA GLY A 156 5.94 -5.80 1.43
C GLY A 156 5.84 -7.28 1.15
N ASP A 157 5.97 -8.11 2.20
CA ASP A 157 5.83 -9.56 2.01
C ASP A 157 4.43 -9.92 1.54
N ASP A 158 3.40 -9.26 2.09
CA ASP A 158 2.05 -9.53 1.61
C ASP A 158 1.86 -9.02 0.20
N LEU A 159 2.41 -7.84 -0.12
CA LEU A 159 2.27 -7.34 -1.49
C LEU A 159 2.92 -8.31 -2.46
N ASP A 160 4.05 -8.90 -2.08
CA ASP A 160 4.69 -9.90 -2.92
C ASP A 160 3.81 -11.13 -3.08
N ARG A 161 3.09 -11.52 -2.02
CA ARG A 161 2.16 -12.65 -2.17
C ARG A 161 1.02 -12.30 -3.11
N ALA A 162 0.44 -11.10 -2.96
CA ALA A 162 -0.61 -10.66 -3.88
C ALA A 162 -0.12 -10.70 -5.32
N ALA A 163 1.09 -10.19 -5.56
CA ALA A 163 1.63 -10.12 -6.92
C ALA A 163 1.82 -11.51 -7.52
N ASP A 164 2.23 -12.49 -6.71
CA ASP A 164 2.33 -13.85 -7.21
C ASP A 164 0.98 -14.37 -7.69
N ALA A 165 -0.07 -14.18 -6.87
CA ALA A 165 -1.40 -14.62 -7.28
C ALA A 165 -1.88 -13.85 -8.50
N LEU A 166 -1.60 -12.55 -8.56
CA LEU A 166 -2.06 -11.76 -9.69
C LEU A 166 -1.35 -12.18 -10.98
N ALA A 167 -0.05 -12.47 -10.89
CA ALA A 167 0.67 -12.93 -12.08
C ALA A 167 0.12 -14.25 -12.59
N ALA A 168 -0.33 -15.11 -11.67
CA ALA A 168 -0.95 -16.37 -12.09
C ALA A 168 -2.30 -16.12 -12.74
N LEU A 169 -3.11 -15.23 -12.16
CA LEU A 169 -4.35 -14.86 -12.82
C LEU A 169 -4.08 -14.27 -14.19
N ALA A 170 -3.04 -13.43 -14.31
CA ALA A 170 -2.76 -12.76 -15.56
C ALA A 170 -2.32 -13.76 -16.63
N ALA A 171 -1.51 -14.75 -16.25
CA ALA A 171 -1.10 -15.76 -17.22
C ALA A 171 -2.26 -16.68 -17.59
N ASP A 172 -3.00 -17.17 -16.59
CA ASP A 172 -4.10 -18.11 -16.85
C ASP A 172 -5.15 -17.52 -17.78
N HIS A 173 -5.39 -16.21 -17.66
CA HIS A 173 -6.50 -15.60 -18.35
C HIS A 173 -6.07 -14.68 -19.47
N ARG A 174 -4.83 -14.83 -19.94
CA ARG A 174 -4.32 -14.10 -21.09
C ARG A 174 -5.35 -14.03 -22.23
N ASP A 175 -6.09 -15.12 -22.46
CA ASP A 175 -7.01 -15.22 -23.59
C ASP A 175 -8.48 -15.33 -23.16
N THR A 176 -8.82 -14.88 -21.96
CA THR A 176 -10.20 -14.95 -21.49
C THR A 176 -10.90 -13.65 -21.86
N PRO A 177 -11.72 -13.64 -22.91
CA PRO A 177 -12.28 -12.36 -23.37
C PRO A 177 -13.38 -11.86 -22.44
N MET A 178 -13.50 -10.53 -22.37
CA MET A 178 -14.51 -9.87 -21.55
C MET A 178 -14.71 -8.46 -22.11
N ALA A 179 -15.80 -7.83 -21.66
CA ALA A 179 -16.11 -6.48 -22.09
C ALA A 179 -15.21 -5.45 -21.40
N GLY A 180 -14.40 -4.73 -22.16
CA GLY A 180 -13.79 -3.51 -21.64
C GLY A 180 -14.88 -2.48 -21.39
N ARG A 181 -14.85 -1.85 -20.22
CA ARG A 181 -15.87 -0.89 -19.83
C ARG A 181 -15.24 0.48 -19.62
N THR A 182 -15.78 1.49 -20.29
CA THR A 182 -15.30 2.86 -20.15
C THR A 182 -16.49 3.75 -19.83
N LEU A 183 -16.35 4.56 -18.79
CA LEU A 183 -17.44 5.45 -18.36
C LEU A 183 -18.73 4.65 -18.15
N ALA A 184 -18.58 3.45 -17.58
CA ALA A 184 -19.64 2.55 -17.13
C ALA A 184 -20.34 1.79 -18.26
N LEU A 185 -19.91 1.91 -19.52
CA LEU A 185 -20.53 1.24 -20.65
C LEU A 185 -19.53 0.37 -21.39
N HIS A 186 -20.05 -0.72 -21.99
CA HIS A 186 -19.25 -1.56 -22.87
C HIS A 186 -18.60 -0.71 -23.95
N ALA A 187 -17.31 -0.93 -24.18
CA ALA A 187 -16.58 -0.15 -25.18
C ALA A 187 -16.09 -1.07 -26.30
N VAL A 188 -14.95 -1.73 -26.10
CA VAL A 188 -14.51 -2.80 -26.99
C VAL A 188 -14.13 -3.98 -26.10
N PRO A 189 -13.98 -5.19 -26.65
CA PRO A 189 -13.62 -6.33 -25.80
C PRO A 189 -12.18 -6.26 -25.36
N THR A 190 -11.90 -6.91 -24.23
CA THR A 190 -10.53 -7.02 -23.73
C THR A 190 -10.38 -8.42 -23.15
N THR A 191 -9.36 -8.63 -22.32
CA THR A 191 -9.18 -9.92 -21.68
C THR A 191 -8.98 -9.69 -20.19
N PHE A 192 -9.55 -10.62 -19.40
CA PHE A 192 -9.32 -10.53 -17.96
C PHE A 192 -7.85 -10.65 -17.65
N GLY A 193 -7.09 -11.37 -18.48
CA GLY A 193 -5.65 -11.42 -18.30
C GLY A 193 -5.02 -10.05 -18.34
N LEU A 194 -5.42 -9.23 -19.32
CA LEU A 194 -4.90 -7.86 -19.39
C LEU A 194 -5.27 -7.06 -18.15
N LYS A 195 -6.54 -7.15 -17.72
CA LYS A 195 -6.95 -6.43 -16.52
C LYS A 195 -6.13 -6.87 -15.30
N ALA A 196 -5.94 -8.18 -15.13
CA ALA A 196 -5.16 -8.67 -14.00
C ALA A 196 -3.70 -8.23 -14.09
N ALA A 197 -3.16 -8.12 -15.31
CA ALA A 197 -1.79 -7.63 -15.45
C ALA A 197 -1.68 -6.17 -15.00
N GLY A 198 -2.76 -5.40 -15.12
CA GLY A 198 -2.74 -4.05 -14.61
C GLY A 198 -2.76 -4.02 -13.10
N TRP A 199 -3.59 -4.89 -12.49
CA TRP A 199 -3.54 -5.08 -11.05
C TRP A 199 -2.14 -5.44 -10.61
N LEU A 200 -1.54 -6.44 -11.27
CA LEU A 200 -0.17 -6.83 -10.97
C LEU A 200 0.79 -5.66 -11.07
N GLU A 201 0.64 -4.83 -12.11
CA GLU A 201 1.55 -3.71 -12.29
C GLU A 201 1.53 -2.79 -11.09
N LEU A 202 0.34 -2.42 -10.62
CA LEU A 202 0.22 -1.56 -9.44
C LEU A 202 0.84 -2.22 -8.21
N VAL A 203 0.46 -3.47 -7.92
CA VAL A 203 0.95 -4.17 -6.74
C VAL A 203 2.46 -4.35 -6.79
N SER A 204 2.99 -4.78 -7.95
CA SER A 204 4.44 -4.88 -8.13
C SER A 204 5.13 -3.55 -7.90
N GLU A 205 4.52 -2.46 -8.37
CA GLU A 205 5.10 -1.13 -8.15
C GLU A 205 5.12 -0.78 -6.67
N ALA A 206 3.98 -0.94 -6.00
CA ALA A 206 3.91 -0.63 -4.57
C ALA A 206 4.87 -1.50 -3.77
N ALA A 207 4.94 -2.81 -4.06
CA ALA A 207 5.86 -3.67 -3.32
C ALA A 207 7.31 -3.23 -3.53
N GLY A 208 7.64 -2.71 -4.72
CA GLY A 208 9.00 -2.27 -4.97
C GLY A 208 9.36 -1.02 -4.16
N ARG A 209 8.41 -0.10 -4.03
CA ARG A 209 8.65 1.12 -3.27
C ARG A 209 8.68 0.84 -1.77
N VAL A 210 7.81 -0.05 -1.29
CA VAL A 210 7.82 -0.40 0.12
C VAL A 210 9.18 -0.96 0.50
N ALA A 211 9.75 -1.83 -0.33
CA ALA A 211 11.04 -2.42 0.02
C ALA A 211 12.15 -1.38 -0.03
N ARG A 212 12.12 -0.48 -1.02
CA ARG A 212 13.15 0.54 -1.11
C ARG A 212 13.06 1.53 0.05
N LEU A 213 11.85 1.96 0.40
CA LEU A 213 11.68 2.86 1.53
C LEU A 213 12.12 2.19 2.82
N ARG A 214 11.82 0.90 2.96
CA ARG A 214 12.22 0.17 4.15
C ARG A 214 13.72 0.16 4.32
N ASP A 215 14.46 0.00 3.24
CA ASP A 215 15.92 -0.05 3.37
C ASP A 215 16.54 1.33 3.63
N GLY A 216 15.79 2.41 3.45
CA GLY A 216 16.37 3.72 3.61
C GLY A 216 15.83 4.49 4.81
N LEU A 217 15.00 3.87 5.63
CA LEU A 217 14.52 4.59 6.80
C LEU A 217 15.70 4.89 7.72
N PRO A 218 15.86 6.13 8.20
CA PRO A 218 17.04 6.45 9.01
C PRO A 218 16.77 6.44 10.50
N PHE A 219 17.82 6.28 11.31
CA PHE A 219 17.68 6.57 12.72
C PHE A 219 17.66 8.09 12.95
N SER A 220 17.30 8.49 14.16
CA SER A 220 17.31 9.91 14.54
C SER A 220 18.30 10.11 15.69
N LEU A 221 19.42 10.74 15.40
CA LEU A 221 20.43 11.04 16.43
C LEU A 221 20.84 12.49 16.21
N GLY A 222 20.27 13.38 17.01
CA GLY A 222 20.44 14.79 16.80
C GLY A 222 20.77 15.56 18.06
N GLY A 223 20.35 15.06 19.22
CA GLY A 223 20.47 15.84 20.44
C GLY A 223 19.47 16.98 20.47
N ALA A 224 19.55 17.72 21.59
CA ALA A 224 18.50 18.65 22.00
C ALA A 224 18.06 19.59 20.88
N ALA A 225 18.99 20.05 20.05
CA ALA A 225 18.59 20.87 18.91
C ALA A 225 19.42 20.52 17.68
N GLY A 226 19.77 19.25 17.51
CA GLY A 226 20.37 18.85 16.25
C GLY A 226 21.84 19.11 16.11
N THR A 227 22.54 19.45 17.20
CA THR A 227 23.99 19.59 17.17
C THR A 227 24.73 18.44 17.82
N LEU A 228 24.01 17.50 18.46
CA LEU A 228 24.60 16.35 19.15
C LEU A 228 25.58 16.77 20.24
N ALA A 229 25.43 17.99 20.76
CA ALA A 229 26.32 18.48 21.82
C ALA A 229 26.36 17.54 23.01
N GLY A 230 25.22 16.93 23.34
CA GLY A 230 25.13 16.09 24.52
C GLY A 230 25.82 14.76 24.39
N TYR A 231 26.02 14.28 23.17
CA TYR A 231 26.61 12.97 22.96
C TYR A 231 28.13 12.96 23.04
N PHE A 232 28.76 14.13 23.16
CA PHE A 232 30.20 14.23 23.07
C PHE A 232 30.79 14.96 24.27
N ASP A 240 39.18 15.67 14.40
CA ASP A 240 38.62 15.15 15.65
C ASP A 240 37.08 15.11 15.63
N PRO A 241 36.39 16.25 15.44
CA PRO A 241 34.93 16.22 15.55
C PRO A 241 34.28 15.34 14.49
N ALA A 242 34.76 15.45 13.24
CA ALA A 242 34.26 14.57 12.20
C ALA A 242 34.57 13.11 12.49
N VAL A 243 35.61 12.84 13.29
CA VAL A 243 36.01 11.46 13.54
C VAL A 243 35.06 10.79 14.52
N LEU A 244 34.72 11.48 15.62
CA LEU A 244 33.82 10.90 16.61
C LEU A 244 32.37 10.91 16.13
N LEU A 245 31.97 11.90 15.32
CA LEU A 245 30.64 11.87 14.73
C LEU A 245 30.45 10.62 13.89
N ASP A 246 31.34 10.40 12.91
CA ASP A 246 31.20 9.26 12.01
C ASP A 246 31.29 7.93 12.77
N ARG A 247 32.06 7.87 13.87
CA ARG A 247 32.11 6.62 14.65
C ARG A 247 30.79 6.38 15.38
N LEU A 248 30.24 7.42 16.00
CA LEU A 248 28.95 7.27 16.68
C LEU A 248 27.83 7.00 15.68
N LEU A 249 27.84 7.68 14.53
CA LEU A 249 26.79 7.45 13.54
C LEU A 249 26.88 6.05 12.98
N ASP A 250 28.10 5.58 12.67
CA ASP A 250 28.25 4.23 12.16
C ASP A 250 27.86 3.18 13.20
N ALA A 251 28.09 3.47 14.47
CA ALA A 251 27.70 2.48 15.48
C ALA A 251 26.20 2.49 15.71
N TYR A 252 25.57 3.68 15.72
CA TYR A 252 24.13 3.70 15.94
C TYR A 252 23.40 3.01 14.79
N ALA A 253 23.93 3.13 13.57
CA ALA A 253 23.34 2.40 12.44
C ALA A 253 23.46 0.90 12.64
N ALA A 254 24.64 0.44 13.10
CA ALA A 254 24.82 -0.98 13.39
C ALA A 254 23.87 -1.44 14.49
N GLU A 255 23.80 -0.70 15.59
CA GLU A 255 22.95 -1.17 16.68
C GLU A 255 21.47 -1.15 16.32
N THR A 256 21.03 -0.18 15.51
CA THR A 256 19.60 -0.14 15.16
C THR A 256 19.26 -0.90 13.89
N GLY A 257 20.24 -1.09 12.99
CA GLY A 257 19.93 -1.60 11.67
C GLY A 257 19.29 -0.60 10.73
N LEU A 258 19.10 0.63 11.18
CA LEU A 258 18.52 1.69 10.37
C LEU A 258 19.62 2.45 9.61
N ALA A 259 19.18 3.24 8.65
CA ALA A 259 20.10 3.99 7.79
C ALA A 259 20.72 5.16 8.54
N ARG A 260 21.90 5.53 8.09
CA ARG A 260 22.56 6.72 8.59
C ARG A 260 22.20 7.90 7.70
N PRO A 261 21.63 8.97 8.23
CA PRO A 261 21.27 10.12 7.39
C PRO A 261 22.36 11.16 7.36
N VAL A 262 22.29 12.03 6.35
CA VAL A 262 23.30 13.06 6.17
C VAL A 262 23.27 14.03 7.34
N LEU A 263 22.09 14.42 7.77
CA LEU A 263 21.88 15.44 8.79
C LEU A 263 20.78 14.97 9.75
N PRO A 264 20.83 15.40 11.00
CA PRO A 264 19.66 15.16 11.86
C PRO A 264 18.42 15.74 11.20
N TRP A 265 17.30 15.03 11.33
CA TRP A 265 16.09 15.35 10.56
C TRP A 265 14.90 15.66 11.46
N HIS A 266 15.16 16.18 12.66
CA HIS A 266 14.10 16.64 13.56
C HIS A 266 13.08 17.56 12.90
N VAL A 267 13.50 18.37 11.92
CA VAL A 267 12.58 19.24 11.18
C VAL A 267 12.76 19.06 9.68
N LEU A 268 13.43 17.99 9.26
CA LEU A 268 13.57 17.64 7.85
C LEU A 268 12.82 16.33 7.65
N ARG A 269 11.50 16.44 7.51
CA ARG A 269 10.62 15.30 7.73
C ARG A 269 10.48 14.42 6.49
N THR A 270 11.52 14.34 5.66
CA THR A 270 11.48 13.50 4.46
C THR A 270 11.07 12.05 4.74
N PRO A 271 11.61 11.35 5.74
CA PRO A 271 11.15 9.96 5.95
C PRO A 271 9.66 9.84 6.19
N VAL A 272 9.08 10.76 6.95
CA VAL A 272 7.65 10.67 7.23
C VAL A 272 6.82 10.97 5.99
N ALA A 273 7.23 11.98 5.20
CA ALA A 273 6.50 12.26 3.96
C ALA A 273 6.62 11.09 2.98
N ASP A 274 7.75 10.40 2.97
CA ASP A 274 7.93 9.23 2.10
C ASP A 274 7.00 8.09 2.52
N LEU A 275 6.96 7.78 3.82
CA LEU A 275 6.00 6.80 4.32
C LEU A 275 4.58 7.21 3.95
N ALA A 276 4.25 8.50 4.18
CA ALA A 276 2.96 9.02 3.75
C ALA A 276 2.70 8.68 2.28
N ALA A 277 3.67 8.93 1.41
CA ALA A 277 3.44 8.78 -0.03
C ALA A 277 3.28 7.30 -0.42
N VAL A 278 4.17 6.42 0.06
CA VAL A 278 4.12 5.03 -0.38
C VAL A 278 2.93 4.28 0.23
N LEU A 279 2.49 4.66 1.43
CA LEU A 279 1.30 4.03 2.00
C LEU A 279 0.05 4.48 1.26
N ALA A 280 -0.04 5.77 0.93
CA ALA A 280 -1.22 6.24 0.20
C ALA A 280 -1.25 5.65 -1.22
N PHE A 281 -0.11 5.55 -1.88
CA PHE A 281 -0.04 4.87 -3.16
C PHE A 281 -0.49 3.41 -3.03
N THR A 282 0.07 2.70 -2.03
CA THR A 282 -0.29 1.30 -1.85
C THR A 282 -1.78 1.14 -1.61
N ALA A 283 -2.34 1.89 -0.66
CA ALA A 283 -3.76 1.78 -0.38
C ALA A 283 -4.58 2.12 -1.61
N GLY A 284 -4.17 3.15 -2.36
CA GLY A 284 -4.90 3.52 -3.56
C GLY A 284 -4.85 2.46 -4.63
N ALA A 285 -3.67 1.88 -4.86
CA ALA A 285 -3.54 0.80 -5.83
C ALA A 285 -4.44 -0.37 -5.45
N LEU A 286 -4.41 -0.80 -4.17
CA LEU A 286 -5.31 -1.86 -3.72
C LEU A 286 -6.76 -1.43 -3.84
N GLY A 287 -7.06 -0.16 -3.55
CA GLY A 287 -8.39 0.35 -3.81
C GLY A 287 -8.82 0.20 -5.26
N LYS A 288 -7.86 0.26 -6.19
CA LYS A 288 -8.22 0.10 -7.59
C LYS A 288 -8.71 -1.32 -7.87
N ILE A 289 -7.98 -2.32 -7.36
CA ILE A 289 -8.43 -3.70 -7.49
C ILE A 289 -9.81 -3.86 -6.87
N ALA A 290 -10.05 -3.19 -5.74
CA ALA A 290 -11.28 -3.40 -4.99
C ALA A 290 -12.50 -2.87 -5.75
N VAL A 291 -12.40 -1.68 -6.33
CA VAL A 291 -13.55 -1.16 -7.09
C VAL A 291 -13.75 -1.94 -8.38
N ASP A 292 -12.65 -2.47 -8.95
CA ASP A 292 -12.80 -3.35 -10.12
C ASP A 292 -13.55 -4.63 -9.77
N VAL A 293 -13.20 -5.26 -8.65
CA VAL A 293 -13.88 -6.48 -8.23
C VAL A 293 -15.35 -6.18 -7.96
N GLN A 294 -15.63 -5.05 -7.33
CA GLN A 294 -17.02 -4.69 -7.06
C GLN A 294 -17.80 -4.47 -8.35
N SER A 295 -17.17 -3.84 -9.34
CA SER A 295 -17.83 -3.69 -10.64
C SER A 295 -18.14 -5.05 -11.25
N LEU A 296 -17.18 -5.97 -11.20
CA LEU A 296 -17.37 -7.27 -11.82
C LEU A 296 -18.24 -8.21 -11.00
N ALA A 297 -18.34 -7.99 -9.68
CA ALA A 297 -19.02 -8.93 -8.79
C ALA A 297 -20.49 -8.61 -8.58
N ARG A 298 -20.96 -7.47 -9.06
CA ARG A 298 -22.35 -7.09 -8.79
C ARG A 298 -23.32 -8.03 -9.51
N THR A 299 -24.56 -8.02 -9.02
CA THR A 299 -25.57 -8.99 -9.41
C THR A 299 -25.76 -9.06 -10.92
N GLU A 300 -25.87 -7.90 -11.57
CA GLU A 300 -26.12 -7.82 -13.01
C GLU A 300 -24.90 -8.20 -13.85
N VAL A 301 -23.74 -8.42 -13.24
CA VAL A 301 -22.52 -8.68 -14.00
C VAL A 301 -22.01 -10.07 -13.69
N ALA A 302 -21.61 -10.29 -12.43
CA ALA A 302 -21.32 -11.64 -11.93
C ALA A 302 -20.21 -12.32 -12.73
N GLU A 303 -19.20 -11.56 -13.11
CA GLU A 303 -18.07 -12.10 -13.84
C GLU A 303 -16.98 -12.63 -12.92
N VAL A 304 -16.93 -12.14 -11.68
CA VAL A 304 -16.05 -12.67 -10.65
C VAL A 304 -16.85 -12.81 -9.36
N ALA A 305 -16.30 -13.58 -8.44
CA ALA A 305 -16.84 -13.65 -7.08
C ALA A 305 -15.68 -13.73 -6.11
N GLU A 306 -15.89 -13.12 -4.94
CA GLU A 306 -14.91 -13.27 -3.88
C GLU A 306 -14.98 -14.68 -3.32
N PRO A 307 -13.86 -15.19 -2.77
CA PRO A 307 -13.90 -16.49 -2.10
C PRO A 307 -14.90 -16.49 -0.96
N ALA A 308 -15.60 -17.61 -0.79
CA ALA A 308 -16.59 -17.76 0.27
C ALA A 308 -16.00 -18.43 1.51
N PRO A 319 -30.11 -13.99 3.08
CA PRO A 319 -29.81 -15.37 2.70
C PRO A 319 -29.28 -15.50 1.27
N HIS A 320 -28.21 -16.28 1.09
CA HIS A 320 -27.53 -16.44 -0.21
C HIS A 320 -27.06 -15.11 -0.76
N LYS A 321 -26.63 -14.22 0.14
CA LYS A 321 -26.02 -12.95 -0.23
C LYS A 321 -24.54 -13.03 0.13
N ARG A 322 -23.71 -13.39 -0.86
CA ARG A 322 -22.27 -13.47 -0.67
C ARG A 322 -21.67 -12.11 -1.02
N ASN A 323 -21.85 -11.16 -0.08
CA ASN A 323 -21.38 -9.80 -0.31
C ASN A 323 -19.87 -9.80 -0.56
N PRO A 324 -19.39 -8.96 -1.46
CA PRO A 324 -17.93 -8.84 -1.65
C PRO A 324 -17.28 -8.13 -0.46
N VAL A 325 -17.10 -8.84 0.66
CA VAL A 325 -16.62 -8.17 1.87
C VAL A 325 -15.12 -7.84 1.80
N LEU A 326 -14.31 -8.67 1.14
CA LEU A 326 -12.88 -8.38 1.07
C LEU A 326 -12.62 -7.09 0.29
N SER A 327 -13.27 -6.93 -0.86
CA SER A 327 -13.08 -5.70 -1.59
C SER A 327 -13.65 -4.52 -0.81
N THR A 328 -14.71 -4.74 -0.03
CA THR A 328 -15.28 -3.68 0.78
C THR A 328 -14.28 -3.22 1.84
N LEU A 329 -13.54 -4.16 2.42
CA LEU A 329 -12.56 -3.81 3.44
C LEU A 329 -11.38 -3.08 2.82
N ILE A 330 -10.87 -3.57 1.69
CA ILE A 330 -9.78 -2.90 1.01
C ILE A 330 -10.18 -1.48 0.64
N ARG A 331 -11.38 -1.33 0.08
CA ARG A 331 -11.87 -0.02 -0.29
C ARG A 331 -11.99 0.90 0.92
N SER A 332 -12.41 0.37 2.07
CA SER A 332 -12.58 1.23 3.24
C SER A 332 -11.24 1.84 3.67
N ALA A 333 -10.15 1.10 3.52
CA ALA A 333 -8.84 1.65 3.80
C ALA A 333 -8.43 2.67 2.75
N ALA A 334 -8.76 2.40 1.48
CA ALA A 334 -8.39 3.32 0.41
C ALA A 334 -9.07 4.66 0.56
N LEU A 335 -10.25 4.68 1.19
CA LEU A 335 -10.94 5.93 1.46
C LEU A 335 -10.48 6.59 2.76
N GLN A 336 -9.44 6.07 3.39
CA GLN A 336 -8.96 6.63 4.65
C GLN A 336 -7.51 7.06 4.58
N VAL A 337 -6.63 6.26 4.00
CA VAL A 337 -5.18 6.48 4.07
C VAL A 337 -4.79 7.77 3.33
N PRO A 338 -5.32 8.06 2.14
CA PRO A 338 -4.90 9.31 1.47
C PRO A 338 -5.16 10.56 2.28
N ALA A 339 -6.33 10.69 2.92
CA ALA A 339 -6.56 11.82 3.81
C ALA A 339 -5.57 11.81 4.97
N LEU A 340 -5.30 10.65 5.57
CA LEU A 340 -4.32 10.62 6.64
C LEU A 340 -2.93 10.99 6.12
N ALA A 341 -2.57 10.50 4.93
CA ALA A 341 -1.28 10.83 4.34
C ALA A 341 -1.12 12.33 4.11
N THR A 342 -2.21 13.02 3.77
CA THR A 342 -2.09 14.45 3.50
C THR A 342 -1.73 15.22 4.77
N GLY A 343 -2.33 14.84 5.90
CA GLY A 343 -1.90 15.44 7.17
C GLY A 343 -0.44 15.16 7.45
N LEU A 344 0.03 13.98 7.08
CA LEU A 344 1.43 13.65 7.34
C LEU A 344 2.35 14.44 6.42
N THR A 345 1.92 14.68 5.18
CA THR A 345 2.76 15.43 4.25
C THR A 345 2.90 16.87 4.71
N GLN A 346 1.82 17.47 5.21
CA GLN A 346 1.86 18.85 5.68
C GLN A 346 2.85 19.04 6.82
N CYS A 347 3.16 17.97 7.56
CA CYS A 347 4.09 18.17 8.66
CA CYS A 347 4.13 18.03 8.65
C CYS A 347 5.52 18.42 8.17
N LEU A 348 5.79 18.32 6.87
CA LEU A 348 7.07 18.81 6.35
C LEU A 348 7.28 20.27 6.74
N VAL A 349 6.19 21.00 6.92
CA VAL A 349 6.25 22.36 7.39
C VAL A 349 6.45 22.35 8.90
N SER A 350 7.69 22.12 9.34
CA SER A 350 8.05 22.01 10.75
C SER A 350 9.01 23.14 11.11
N GLU A 351 8.55 24.04 11.96
CA GLU A 351 9.29 25.29 12.21
C GLU A 351 10.42 25.12 13.24
N ASP A 352 11.51 25.87 13.01
CA ASP A 352 12.67 25.98 13.90
C ASP A 352 13.41 24.67 14.00
N GLU A 353 13.85 24.29 15.20
CA GLU A 353 14.61 23.06 15.40
C GLU A 353 13.75 21.93 15.92
N ARG A 354 12.53 22.22 16.37
CA ARG A 354 11.52 21.21 16.70
C ARG A 354 10.17 21.91 16.73
N SER A 355 9.21 21.41 15.95
CA SER A 355 7.93 22.08 15.83
C SER A 355 7.13 21.95 17.12
N ALA A 356 6.36 22.99 17.44
CA ALA A 356 5.46 22.93 18.59
C ALA A 356 4.07 22.46 18.13
N GLY A 357 4.05 21.26 17.53
CA GLY A 357 2.78 20.63 17.24
C GLY A 357 2.78 19.76 16.01
N ALA A 358 3.49 20.21 14.97
CA ALA A 358 3.48 19.49 13.69
C ALA A 358 4.19 18.14 13.79
N TRP A 359 5.30 18.06 14.53
CA TRP A 359 5.88 16.76 14.85
C TRP A 359 4.90 15.90 15.66
N HIS A 360 4.20 16.52 16.61
CA HIS A 360 3.32 15.75 17.47
C HIS A 360 2.12 15.22 16.69
N ALA A 361 1.74 15.93 15.62
CA ALA A 361 0.63 15.48 14.80
C ALA A 361 0.99 14.27 13.95
N GLU A 362 2.22 13.79 13.98
CA GLU A 362 2.61 12.74 13.04
C GLU A 362 2.35 11.34 13.55
N TRP A 363 2.42 11.12 14.88
CA TRP A 363 2.55 9.76 15.40
C TRP A 363 1.30 8.94 15.14
N GLN A 364 0.15 9.42 15.62
CA GLN A 364 -1.09 8.65 15.45
C GLN A 364 -1.46 8.45 13.97
N PRO A 365 -1.47 9.46 13.09
CA PRO A 365 -1.77 9.18 11.68
C PRO A 365 -0.75 8.25 11.04
N LEU A 366 0.53 8.32 11.43
CA LEU A 366 1.49 7.40 10.84
C LEU A 366 1.18 5.98 11.27
N ARG A 367 0.85 5.78 12.54
CA ARG A 367 0.50 4.44 13.00
C ARG A 367 -0.76 3.93 12.30
N GLU A 368 -1.76 4.80 12.12
CA GLU A 368 -2.98 4.39 11.42
C GLU A 368 -2.72 4.02 9.97
N CYS A 369 -1.89 4.80 9.26
CA CYS A 369 -1.57 4.47 7.88
C CYS A 369 -0.92 3.10 7.77
N LEU A 370 0.05 2.82 8.63
CA LEU A 370 0.70 1.52 8.62
C LEU A 370 -0.31 0.43 8.93
N ARG A 371 -1.22 0.72 9.85
CA ARG A 371 -2.18 -0.28 10.31
C ARG A 371 -3.21 -0.58 9.22
N LEU A 372 -3.79 0.46 8.64
CA LEU A 372 -4.82 0.29 7.62
C LEU A 372 -4.24 -0.29 6.33
N THR A 373 -3.08 0.18 5.92
CA THR A 373 -2.46 -0.36 4.72
C THR A 373 -2.02 -1.80 4.93
N GLY A 374 -1.56 -2.13 6.14
CA GLY A 374 -1.21 -3.50 6.45
C GLY A 374 -2.42 -4.43 6.40
N GLY A 375 -3.54 -3.99 6.96
CA GLY A 375 -4.75 -4.76 6.85
C GLY A 375 -5.19 -4.91 5.40
N ALA A 376 -5.09 -3.83 4.64
CA ALA A 376 -5.54 -3.88 3.25
C ALA A 376 -4.66 -4.82 2.44
N ALA A 377 -3.35 -4.82 2.72
CA ALA A 377 -2.43 -5.73 2.03
C ALA A 377 -2.80 -7.18 2.32
N ARG A 378 -2.97 -7.50 3.61
CA ARG A 378 -3.36 -8.86 3.98
C ARG A 378 -4.68 -9.23 3.31
N THR A 379 -5.65 -8.31 3.34
CA THR A 379 -6.94 -8.59 2.71
C THR A 379 -6.79 -8.78 1.20
N ALA A 380 -5.91 -8.00 0.57
CA ALA A 380 -5.71 -8.13 -0.87
C ALA A 380 -5.08 -9.49 -1.23
N VAL A 381 -4.19 -10.00 -0.40
CA VAL A 381 -3.65 -11.33 -0.63
C VAL A 381 -4.79 -12.34 -0.66
N GLU A 382 -5.66 -12.29 0.35
CA GLU A 382 -6.82 -13.19 0.38
C GLU A 382 -7.69 -13.00 -0.86
N LEU A 383 -7.89 -11.75 -1.29
CA LEU A 383 -8.76 -11.50 -2.44
C LEU A 383 -8.14 -12.02 -3.71
N ALA A 384 -6.86 -11.71 -3.95
CA ALA A 384 -6.22 -12.18 -5.17
C ALA A 384 -6.08 -13.70 -5.19
N ALA A 385 -5.86 -14.32 -4.03
CA ALA A 385 -5.61 -15.76 -3.99
C ALA A 385 -6.88 -16.56 -4.25
N GLY A 386 -8.02 -16.12 -3.71
CA GLY A 386 -9.25 -16.88 -3.84
C GLY A 386 -10.25 -16.37 -4.87
N LEU A 387 -9.89 -15.36 -5.67
CA LEU A 387 -10.83 -14.80 -6.62
C LEU A 387 -11.33 -15.87 -7.59
N GLU A 388 -12.65 -15.91 -7.80
CA GLU A 388 -13.28 -16.85 -8.72
C GLU A 388 -13.68 -16.11 -10.00
N VAL A 389 -13.05 -16.48 -11.11
CA VAL A 389 -13.32 -15.90 -12.41
C VAL A 389 -14.31 -16.79 -13.15
N ASP A 390 -15.42 -16.20 -13.62
CA ASP A 390 -16.44 -16.93 -14.38
C ASP A 390 -16.27 -16.60 -15.85
N ALA A 391 -15.42 -17.38 -16.54
CA ALA A 391 -15.09 -17.08 -17.93
C ALA A 391 -16.33 -17.14 -18.83
N ALA A 392 -17.26 -18.05 -18.56
CA ALA A 392 -18.43 -18.16 -19.42
C ALA A 392 -19.36 -16.97 -19.25
N ARG A 393 -19.50 -16.48 -18.02
CA ARG A 393 -20.35 -15.30 -17.84
C ARG A 393 -19.74 -14.07 -18.49
N MET A 394 -18.41 -14.00 -18.55
CA MET A 394 -17.74 -12.92 -19.27
C MET A 394 -18.07 -12.98 -20.76
N ARG A 395 -17.90 -14.17 -21.37
CA ARG A 395 -18.24 -14.34 -22.78
C ARG A 395 -19.69 -13.98 -23.04
N ALA A 396 -20.60 -14.41 -22.18
CA ALA A 396 -22.02 -14.12 -22.40
C ALA A 396 -22.30 -12.62 -22.32
N ASN A 397 -21.68 -11.93 -21.35
CA ASN A 397 -21.89 -10.49 -21.19
C ASN A 397 -21.39 -9.70 -22.42
N LEU A 398 -20.40 -10.23 -23.14
CA LEU A 398 -19.96 -9.57 -24.36
C LEU A 398 -21.09 -9.37 -25.33
N ASP A 399 -22.14 -10.19 -25.26
CA ASP A 399 -23.24 -10.09 -26.21
C ASP A 399 -24.30 -9.08 -25.80
N LEU A 400 -24.13 -8.37 -24.69
CA LEU A 400 -25.22 -7.57 -24.15
C LEU A 400 -25.56 -6.37 -25.02
N THR A 401 -24.58 -5.80 -25.74
CA THR A 401 -24.87 -4.66 -26.63
C THR A 401 -25.29 -5.09 -28.03
N ASP A 402 -25.59 -6.38 -28.24
CA ASP A 402 -26.10 -6.88 -29.51
C ASP A 402 -25.15 -6.54 -30.66
N GLY A 403 -23.86 -6.75 -30.45
CA GLY A 403 -22.84 -6.51 -31.45
C GLY A 403 -22.24 -5.13 -31.47
N ARG A 404 -22.86 -4.15 -30.80
CA ARG A 404 -22.30 -2.80 -30.84
C ARG A 404 -20.86 -2.79 -30.33
N ILE A 405 -20.53 -3.66 -29.37
CA ILE A 405 -19.19 -3.67 -28.81
C ILE A 405 -18.11 -4.06 -29.79
N VAL A 406 -18.46 -4.58 -30.96
CA VAL A 406 -17.44 -4.93 -31.96
C VAL A 406 -17.45 -3.93 -33.11
N SER A 407 -18.25 -2.86 -33.03
CA SER A 407 -18.42 -2.04 -34.20
C SER A 407 -17.20 -1.20 -34.53
N GLU A 408 -16.21 -1.13 -33.65
CA GLU A 408 -14.93 -0.56 -34.09
C GLU A 408 -14.05 -1.60 -34.76
N SER A 409 -14.17 -2.86 -34.39
CA SER A 409 -13.45 -3.92 -35.08
C SER A 409 -13.99 -4.10 -36.50
N VAL A 410 -15.29 -3.90 -36.67
CA VAL A 410 -15.89 -4.06 -37.99
C VAL A 410 -15.52 -2.89 -38.88
N ALA A 411 -15.53 -1.67 -38.32
CA ALA A 411 -15.09 -0.50 -39.07
C ALA A 411 -13.66 -0.66 -39.57
N VAL A 412 -12.78 -1.23 -38.75
CA VAL A 412 -11.41 -1.46 -39.21
C VAL A 412 -11.38 -2.42 -40.38
N ALA A 413 -12.20 -3.48 -40.32
CA ALA A 413 -12.18 -4.51 -41.35
C ALA A 413 -12.78 -4.02 -42.68
N LEU A 414 -13.75 -3.11 -42.61
CA LEU A 414 -14.37 -2.55 -43.80
C LEU A 414 -13.59 -1.39 -44.42
N THR A 415 -12.53 -0.90 -43.77
CA THR A 415 -11.84 0.30 -44.20
C THR A 415 -11.16 0.11 -45.55
N PRO A 416 -10.48 -1.02 -45.82
CA PRO A 416 -9.94 -1.24 -47.17
C PRO A 416 -10.99 -1.11 -48.27
N LEU A 417 -12.25 -1.46 -48.00
CA LEU A 417 -13.28 -1.50 -49.03
C LEU A 417 -14.21 -0.29 -49.02
N LEU A 418 -14.32 0.44 -47.90
CA LEU A 418 -15.16 1.62 -47.87
C LEU A 418 -14.40 2.93 -47.73
N GLY A 419 -13.19 2.90 -47.17
CA GLY A 419 -12.56 4.11 -46.69
C GLY A 419 -12.75 4.27 -45.19
N ARG A 420 -11.77 4.91 -44.55
CA ARG A 420 -11.81 5.08 -43.09
C ARG A 420 -13.01 5.92 -42.67
N GLN A 421 -13.18 7.10 -43.25
CA GLN A 421 -14.23 8.01 -42.82
C GLN A 421 -15.61 7.43 -43.12
N ALA A 422 -15.77 6.77 -44.28
CA ALA A 422 -17.09 6.26 -44.64
C ALA A 422 -17.44 4.99 -43.85
N ALA A 423 -16.45 4.16 -43.53
CA ALA A 423 -16.73 2.99 -42.71
C ALA A 423 -17.20 3.39 -41.32
N LYS A 424 -16.54 4.38 -40.71
CA LYS A 424 -16.95 4.87 -39.40
C LYS A 424 -18.35 5.46 -39.47
N GLU A 425 -18.61 6.32 -40.46
CA GLU A 425 -19.95 6.90 -40.59
C GLU A 425 -21.00 5.83 -40.80
N LEU A 426 -20.66 4.75 -41.50
CA LEU A 426 -21.62 3.68 -41.77
C LEU A 426 -21.88 2.85 -40.52
N LEU A 427 -20.86 2.66 -39.68
CA LEU A 427 -21.07 1.86 -38.48
C LEU A 427 -21.80 2.66 -37.41
N THR A 428 -21.67 3.98 -37.43
CA THR A 428 -22.38 4.84 -36.48
C THR A 428 -23.89 4.75 -36.70
N ARG A 429 -24.34 4.91 -37.94
CA ARG A 429 -25.78 4.81 -38.23
C ARG A 429 -26.31 3.42 -37.94
N ALA A 430 -25.54 2.38 -38.25
CA ALA A 430 -25.97 1.02 -37.93
C ALA A 430 -26.11 0.82 -36.43
N ALA A 431 -25.13 1.31 -35.66
CA ALA A 431 -25.16 1.14 -34.21
C ALA A 431 -26.32 1.90 -33.58
N PHE A 432 -26.75 3.01 -34.19
CA PHE A 432 -27.95 3.70 -33.72
C PHE A 432 -29.22 2.96 -34.15
N THR A 433 -29.29 2.52 -35.41
CA THR A 433 -30.49 1.83 -35.88
C THR A 433 -30.66 0.48 -35.18
N ALA A 434 -29.55 -0.21 -34.90
CA ALA A 434 -29.62 -1.43 -34.12
C ALA A 434 -30.08 -1.14 -32.69
N GLY A 435 -29.63 -0.01 -32.12
CA GLY A 435 -30.07 0.44 -30.81
C GLY A 435 -31.41 1.14 -30.83
N HIS A 436 -32.13 1.02 -31.94
CA HIS A 436 -33.52 1.46 -32.06
C HIS A 436 -34.44 0.30 -32.41
N GLU A 437 -34.24 -0.34 -33.57
CA GLU A 437 -35.07 -1.47 -34.00
C GLU A 437 -34.90 -2.70 -33.11
N GLY A 438 -34.15 -2.62 -32.02
CA GLY A 438 -33.96 -3.78 -31.17
C GLY A 438 -33.30 -4.95 -31.85
N ARG A 439 -32.63 -4.73 -32.99
CA ARG A 439 -31.95 -5.78 -33.72
C ARG A 439 -30.46 -5.78 -33.37
N THR A 440 -29.79 -6.88 -33.71
CA THR A 440 -28.35 -6.92 -33.51
C THR A 440 -27.66 -6.03 -34.55
N LEU A 441 -26.38 -5.74 -34.27
CA LEU A 441 -25.59 -4.96 -35.23
C LEU A 441 -25.38 -5.73 -36.53
N GLY A 442 -25.20 -7.06 -36.43
CA GLY A 442 -25.10 -7.86 -37.64
C GLY A 442 -26.38 -7.82 -38.47
N GLU A 443 -27.53 -7.88 -37.81
CA GLU A 443 -28.80 -7.82 -38.54
C GLU A 443 -28.92 -6.53 -39.33
N VAL A 444 -28.62 -5.39 -38.69
CA VAL A 444 -28.77 -4.10 -39.36
C VAL A 444 -27.75 -3.93 -40.47
N LEU A 445 -26.52 -4.43 -40.27
CA LEU A 445 -25.51 -4.33 -41.32
C LEU A 445 -25.93 -5.12 -42.57
N GLY A 446 -26.59 -6.28 -42.37
CA GLY A 446 -27.08 -7.14 -43.44
C GLY A 446 -28.23 -6.58 -44.25
N GLU A 447 -28.66 -5.35 -44.02
CA GLU A 447 -29.68 -4.69 -44.80
C GLU A 447 -29.19 -3.42 -45.47
N LEU A 448 -27.97 -2.99 -45.19
CA LEU A 448 -27.40 -1.82 -45.84
C LEU A 448 -26.99 -2.17 -47.27
N PRO A 449 -27.49 -1.46 -48.28
CA PRO A 449 -27.10 -1.79 -49.66
C PRO A 449 -25.61 -1.62 -49.91
N GLU A 450 -24.97 -0.67 -49.23
CA GLU A 450 -23.53 -0.46 -49.38
C GLU A 450 -22.72 -1.69 -49.02
N LEU A 451 -23.29 -2.65 -48.29
CA LEU A 451 -22.52 -3.76 -47.75
C LEU A 451 -22.76 -5.08 -48.48
N ASP A 452 -23.63 -5.10 -49.48
CA ASP A 452 -24.00 -6.37 -50.09
C ASP A 452 -22.81 -7.00 -50.81
N GLY A 453 -22.54 -8.25 -50.48
CA GLY A 453 -21.43 -9.00 -51.06
C GLY A 453 -20.06 -8.53 -50.65
N VAL A 454 -19.94 -7.66 -49.64
CA VAL A 454 -18.64 -7.11 -49.28
C VAL A 454 -17.76 -8.14 -48.57
N LEU A 455 -18.34 -9.16 -47.94
CA LEU A 455 -17.53 -10.13 -47.23
C LEU A 455 -18.19 -11.50 -47.29
N PRO A 456 -17.41 -12.57 -47.46
CA PRO A 456 -17.96 -13.92 -47.28
C PRO A 456 -18.66 -14.07 -45.94
N LYS A 457 -19.67 -14.95 -45.91
CA LYS A 457 -20.43 -15.19 -44.69
C LYS A 457 -19.53 -15.66 -43.54
N GLU A 458 -18.61 -16.59 -43.84
CA GLU A 458 -17.73 -17.10 -42.80
C GLU A 458 -16.91 -15.97 -42.18
N ARG A 459 -16.53 -14.98 -42.98
CA ARG A 459 -15.77 -13.86 -42.46
C ARG A 459 -16.65 -12.92 -41.64
N TRP A 460 -17.95 -12.87 -41.93
CA TRP A 460 -18.87 -12.05 -41.14
C TRP A 460 -19.05 -12.62 -39.74
N GLU A 461 -19.14 -13.96 -39.61
CA GLU A 461 -19.24 -14.57 -38.30
C GLU A 461 -18.00 -14.29 -37.47
N ALA A 462 -16.83 -14.29 -38.12
CA ALA A 462 -15.59 -13.99 -37.41
C ALA A 462 -15.53 -12.54 -36.96
N LEU A 463 -16.01 -11.62 -37.79
CA LEU A 463 -15.93 -10.19 -37.45
C LEU A 463 -16.86 -9.83 -36.30
N LEU A 464 -18.02 -10.46 -36.25
CA LEU A 464 -19.07 -10.13 -35.29
C LEU A 464 -18.88 -10.84 -33.96
N ASP A 465 -17.88 -11.70 -33.85
CA ASP A 465 -17.60 -12.45 -32.63
C ASP A 465 -16.82 -11.57 -31.66
N PRO A 466 -17.44 -11.15 -30.57
CA PRO A 466 -16.72 -10.28 -29.62
C PRO A 466 -15.48 -10.93 -29.03
N ALA A 467 -15.43 -12.26 -28.95
CA ALA A 467 -14.29 -12.90 -28.31
C ALA A 467 -13.01 -12.83 -29.13
N ARG A 468 -13.06 -12.38 -30.38
CA ARG A 468 -11.87 -12.31 -31.23
C ARG A 468 -11.30 -10.90 -31.36
N ALA A 469 -12.05 -9.87 -31.00
CA ALA A 469 -11.61 -8.49 -31.22
C ALA A 469 -10.89 -7.92 -29.98
N THR A 470 -9.89 -8.63 -29.46
CA THR A 470 -9.21 -8.21 -28.25
C THR A 470 -7.95 -7.40 -28.53
N GLY A 471 -7.79 -6.86 -29.73
CA GLY A 471 -6.63 -6.03 -30.01
C GLY A 471 -5.34 -6.81 -29.83
N VAL A 472 -4.36 -6.22 -29.16
CA VAL A 472 -3.13 -6.93 -28.82
C VAL A 472 -3.06 -7.22 -27.33
N ALA A 473 -4.22 -7.40 -26.69
CA ALA A 473 -4.22 -7.71 -25.26
C ALA A 473 -3.29 -8.87 -24.91
N GLY A 474 -3.15 -9.84 -25.81
CA GLY A 474 -2.29 -10.97 -25.54
C GLY A 474 -0.83 -10.58 -25.47
N ALA A 475 -0.38 -9.81 -26.46
CA ALA A 475 1.02 -9.38 -26.48
C ALA A 475 1.33 -8.43 -25.32
N LEU A 476 0.33 -7.69 -24.83
CA LEU A 476 0.55 -6.83 -23.66
C LEU A 476 0.76 -7.64 -22.40
N VAL A 477 0.00 -8.72 -22.22
CA VAL A 477 0.13 -9.56 -21.03
C VAL A 477 1.52 -10.20 -20.99
N ASP A 478 2.01 -10.66 -22.15
CA ASP A 478 3.33 -11.30 -22.17
C ASP A 478 4.42 -10.32 -21.77
N GLY A 479 4.43 -9.13 -22.39
CA GLY A 479 5.40 -8.11 -22.01
C GLY A 479 5.32 -7.75 -20.55
N ALA A 480 4.10 -7.63 -20.01
CA ALA A 480 3.94 -7.43 -18.57
C ALA A 480 4.55 -8.59 -17.80
N LEU A 481 4.35 -9.82 -18.27
CA LEU A 481 4.80 -10.96 -17.48
C LEU A 481 6.28 -11.25 -17.68
N ALA A 482 6.86 -10.84 -18.81
CA ALA A 482 8.30 -10.95 -18.99
C ALA A 482 9.08 -10.08 -18.01
N ARG A 483 8.46 -9.05 -17.43
CA ARG A 483 9.15 -8.17 -16.48
C ARG A 483 9.06 -8.69 -15.03
#